data_3R9E
#
_entry.id   3R9E
#
_cell.length_a   78.986
_cell.length_b   94.763
_cell.length_c   53.252
_cell.angle_alpha   90.000
_cell.angle_beta   90.000
_cell.angle_gamma   90.000
#
_symmetry.space_group_name_H-M   'P 21 21 2'
#
loop_
_entity.id
_entity.type
_entity.pdbx_description
1 polymer 'MccE protein'
2 non-polymer 'COENZYME A'
3 non-polymer "5'-O-(L-alpha-aspartylsulfamoyl)adenosine"
4 water water
#
_entity_poly.entity_id   1
_entity_poly.type   'polypeptide(L)'
_entity_poly.pdbx_seq_one_letter_code
;GSHMRKYDVSLTPSGIKVNDEITLLYPALKYAEELYLLINQNKINFIKSMAWPAFVNNISDSVSFIEQSMIDNQNEKALI
LFIKYKTKIAGVVSFNIIDHANKTAYIGYWLGANFQGKGIVTNAINKLIQEYGDSGVIKRFVIKCIVDNKKSNATALRCG
FTLEGVLQKAEILNGVSYDQNIYSKVIG
;
_entity_poly.pdbx_strand_id   A,B
#
loop_
_chem_comp.id
_chem_comp.type
_chem_comp.name
_chem_comp.formula
COA non-polymer 'COENZYME A' 'C21 H36 N7 O16 P3 S'
DSZ non-polymer 5'-O-(L-alpha-aspartylsulfamoyl)adenosine 'C14 H19 N7 O9 S'
#
# COMPACT_ATOMS: atom_id res chain seq x y z
N ASP A 8 -12.24 15.68 4.92
CA ASP A 8 -11.30 14.52 4.94
C ASP A 8 -10.90 14.24 6.38
N VAL A 9 -11.53 13.23 6.98
CA VAL A 9 -11.30 12.92 8.40
C VAL A 9 -9.89 12.39 8.71
N SER A 10 -9.13 12.03 7.66
CA SER A 10 -7.75 11.56 7.84
C SER A 10 -6.79 12.70 8.10
N LEU A 11 -7.23 13.93 7.82
CA LEU A 11 -6.44 15.12 8.11
C LEU A 11 -6.84 15.66 9.46
N THR A 12 -6.09 15.27 10.48
CA THR A 12 -6.40 15.60 11.87
C THR A 12 -5.49 16.73 12.35
N PRO A 13 -5.84 17.37 13.49
CA PRO A 13 -4.97 18.44 14.00
C PRO A 13 -3.54 17.96 14.29
N SER A 14 -3.38 16.71 14.70
CA SER A 14 -2.07 16.18 15.09
C SER A 14 -1.24 15.57 13.95
N GLY A 15 -1.89 15.29 12.82
CA GLY A 15 -1.19 14.69 11.70
C GLY A 15 -2.11 14.01 10.72
N ILE A 16 -1.51 13.25 9.82
CA ILE A 16 -2.21 12.64 8.71
C ILE A 16 -2.34 11.16 8.99
N LYS A 17 -3.57 10.66 9.08
CA LYS A 17 -3.81 9.27 9.35
C LYS A 17 -3.70 8.45 8.08
N VAL A 18 -2.65 7.63 8.01
CA VAL A 18 -2.41 6.79 6.84
C VAL A 18 -3.33 5.57 6.84
N ASN A 19 -3.36 4.87 7.97
CA ASN A 19 -4.21 3.71 8.15
C ASN A 19 -4.39 3.50 9.64
N ASP A 20 -4.94 2.35 10.04
CA ASP A 20 -5.22 2.08 11.46
C ASP A 20 -3.98 2.08 12.35
N GLU A 21 -2.81 1.85 11.75
CA GLU A 21 -1.55 1.69 12.50
C GLU A 21 -0.58 2.86 12.35
N ILE A 22 -0.73 3.66 11.29
CA ILE A 22 0.26 4.67 10.95
C ILE A 22 -0.36 6.06 10.91
N THR A 23 0.25 6.97 11.66
CA THR A 23 -0.08 8.39 11.56
C THR A 23 1.22 9.17 11.32
N LEU A 24 1.14 10.15 10.43
CA LEU A 24 2.28 11.02 10.14
C LEU A 24 2.07 12.29 10.95
N LEU A 25 2.85 12.41 12.02
CA LEU A 25 2.65 13.48 13.00
C LEU A 25 3.34 14.77 12.62
N TYR A 26 2.65 15.88 12.82
CA TYR A 26 3.29 17.17 12.72
C TYR A 26 4.29 17.28 13.88
N PRO A 27 5.50 17.79 13.61
CA PRO A 27 6.51 17.83 14.66
C PRO A 27 6.09 18.65 15.88
N ALA A 28 6.58 18.22 17.04
CA ALA A 28 6.32 18.86 18.32
C ALA A 28 7.50 18.52 19.21
N LEU A 29 7.81 19.43 20.14
CA LEU A 29 8.95 19.27 21.04
C LEU A 29 8.87 18.04 21.94
N LYS A 30 7.66 17.62 22.28
CA LYS A 30 7.44 16.44 23.12
C LYS A 30 8.03 15.17 22.52
N TYR A 31 8.21 15.17 21.20
CA TYR A 31 8.74 14.01 20.49
C TYR A 31 10.28 13.95 20.55
N ALA A 32 10.92 15.02 21.03
CA ALA A 32 12.39 15.14 20.97
C ALA A 32 13.11 13.95 21.61
N GLU A 33 12.66 13.57 22.80
CA GLU A 33 13.29 12.48 23.53
C GLU A 33 13.22 11.15 22.77
N GLU A 34 12.02 10.77 22.35
CA GLU A 34 11.82 9.51 21.64
C GLU A 34 12.56 9.51 20.30
N LEU A 35 12.51 10.63 19.59
CA LEU A 35 13.20 10.75 18.31
C LEU A 35 14.70 10.58 18.49
N TYR A 36 15.25 11.29 19.48
CA TYR A 36 16.67 11.18 19.75
C TYR A 36 17.10 9.75 20.07
N LEU A 37 16.34 9.08 20.94
CA LEU A 37 16.68 7.72 21.33
C LEU A 37 16.66 6.78 20.13
N LEU A 38 15.67 6.96 19.27
CA LEU A 38 15.55 6.16 18.07
C LEU A 38 16.76 6.36 17.14
N ILE A 39 17.15 7.61 16.92
CA ILE A 39 18.31 7.91 16.09
C ILE A 39 19.56 7.27 16.71
N ASN A 40 19.70 7.46 18.02
CA ASN A 40 20.84 6.93 18.75
C ASN A 40 20.97 5.42 18.58
N GLN A 41 19.85 4.70 18.69
CA GLN A 41 19.83 3.24 18.54
CA GLN A 41 19.85 3.24 18.54
C GLN A 41 20.28 2.82 17.13
N ASN A 42 20.01 3.67 16.15
CA ASN A 42 20.27 3.34 14.74
C ASN A 42 21.46 4.05 14.11
N LYS A 43 22.19 4.82 14.92
CA LYS A 43 23.25 5.69 14.42
CA LYS A 43 23.24 5.69 14.40
C LYS A 43 24.27 4.99 13.51
N ILE A 44 24.78 3.85 13.97
CA ILE A 44 25.82 3.16 13.19
C ILE A 44 25.35 2.75 11.78
N ASN A 45 24.16 2.16 11.68
CA ASN A 45 23.63 1.79 10.37
C ASN A 45 23.21 3.01 9.52
N PHE A 46 22.66 4.02 10.18
CA PHE A 46 22.19 5.22 9.47
C PHE A 46 23.31 6.00 8.82
N ILE A 47 24.46 6.07 9.49
CA ILE A 47 25.63 6.78 8.97
C ILE A 47 26.05 6.20 7.61
N LYS A 48 25.74 4.93 7.38
CA LYS A 48 26.03 4.31 6.07
C LYS A 48 25.29 4.95 4.89
N SER A 49 24.14 5.58 5.14
CA SER A 49 23.30 6.08 4.03
C SER A 49 22.91 7.56 4.10
N MET A 50 23.21 8.24 5.21
CA MET A 50 22.83 9.63 5.40
C MET A 50 23.97 10.35 6.10
N ALA A 51 24.14 11.66 5.85
CA ALA A 51 25.27 12.40 6.43
C ALA A 51 25.01 12.85 7.87
N TRP A 52 23.82 13.38 8.11
CA TRP A 52 23.45 14.01 9.39
C TRP A 52 23.52 13.14 10.66
N PRO A 53 23.29 11.80 10.57
CA PRO A 53 23.27 11.06 11.84
C PRO A 53 24.60 11.08 12.60
N ALA A 54 25.71 11.26 11.88
CA ALA A 54 27.04 11.26 12.51
C ALA A 54 27.17 12.35 13.57
N PHE A 55 26.33 13.38 13.48
CA PHE A 55 26.43 14.56 14.34
C PHE A 55 25.29 14.69 15.38
N VAL A 56 24.44 13.67 15.47
CA VAL A 56 23.37 13.67 16.46
C VAL A 56 23.91 13.03 17.75
N ASN A 57 24.28 13.88 18.71
CA ASN A 57 25.02 13.42 19.89
C ASN A 57 24.29 13.61 21.21
N ASN A 58 23.23 14.40 21.20
CA ASN A 58 22.48 14.70 22.40
C ASN A 58 21.04 15.01 22.01
N ILE A 59 20.13 14.83 22.97
CA ILE A 59 18.72 15.19 22.79
C ILE A 59 18.57 16.63 22.26
N SER A 60 19.47 17.54 22.67
CA SER A 60 19.45 18.92 22.22
C SER A 60 19.55 19.06 20.69
N ASP A 61 20.25 18.14 20.05
CA ASP A 61 20.35 18.13 18.60
C ASP A 61 18.99 17.82 17.98
N SER A 62 18.25 16.90 18.59
CA SER A 62 16.90 16.57 18.11
C SER A 62 15.92 17.71 18.38
N VAL A 63 16.07 18.39 19.53
CA VAL A 63 15.29 19.59 19.81
C VAL A 63 15.51 20.62 18.70
N SER A 64 16.77 20.89 18.36
CA SER A 64 17.08 21.86 17.32
C SER A 64 16.50 21.47 15.96
N PHE A 65 16.57 20.18 15.64
CA PHE A 65 15.96 19.66 14.42
C PHE A 65 14.45 19.90 14.41
N ILE A 66 13.78 19.59 15.53
CA ILE A 66 12.34 19.82 15.64
C ILE A 66 12.00 21.30 15.49
N GLU A 67 12.76 22.17 16.15
CA GLU A 67 12.52 23.61 16.05
C GLU A 67 12.62 24.10 14.60
N GLN A 68 13.68 23.70 13.90
CA GLN A 68 13.85 24.10 12.52
C GLN A 68 12.76 23.51 11.62
N SER A 69 12.41 22.24 11.85
CA SER A 69 11.36 21.58 11.08
C SER A 69 10.01 22.30 11.22
N MET A 70 9.71 22.76 12.43
CA MET A 70 8.45 23.48 12.66
C MET A 70 8.43 24.82 11.93
N ILE A 71 9.58 25.50 11.89
CA ILE A 71 9.70 26.74 11.12
C ILE A 71 9.49 26.48 9.63
N ASP A 72 10.20 25.48 9.10
CA ASP A 72 10.06 25.15 7.70
C ASP A 72 8.65 24.70 7.33
N ASN A 73 8.02 23.91 8.21
CA ASN A 73 6.63 23.48 7.99
C ASN A 73 5.67 24.67 7.94
N GLN A 74 5.81 25.57 8.91
CA GLN A 74 4.99 26.79 8.97
C GLN A 74 5.02 27.56 7.66
N ASN A 75 6.20 27.65 7.07
CA ASN A 75 6.42 28.45 5.88
C ASN A 75 6.34 27.67 4.58
N GLU A 76 5.97 26.40 4.68
CA GLU A 76 5.86 25.49 3.53
C GLU A 76 7.16 25.39 2.72
N LYS A 77 8.29 25.57 3.38
CA LYS A 77 9.60 25.32 2.77
C LYS A 77 9.82 23.81 2.63
N ALA A 78 9.24 23.08 3.57
CA ALA A 78 9.38 21.64 3.67
C ALA A 78 8.11 21.11 4.33
N LEU A 79 7.95 19.78 4.31
CA LEU A 79 6.93 19.11 5.11
C LEU A 79 7.62 17.97 5.84
N ILE A 80 7.96 18.19 7.11
CA ILE A 80 8.64 17.19 7.92
C ILE A 80 7.62 16.53 8.81
N LEU A 81 7.55 15.21 8.77
CA LEU A 81 6.55 14.45 9.53
C LEU A 81 7.21 13.32 10.28
N PHE A 82 6.73 13.07 11.50
CA PHE A 82 7.27 11.98 12.31
C PHE A 82 6.32 10.79 12.20
N ILE A 83 6.85 9.66 11.74
CA ILE A 83 6.02 8.49 11.53
C ILE A 83 5.71 7.82 12.86
N LYS A 84 4.43 7.70 13.18
CA LYS A 84 4.01 6.95 14.36
C LYS A 84 3.40 5.63 13.90
N TYR A 85 3.99 4.55 14.37
CA TYR A 85 3.52 3.21 14.06
C TYR A 85 3.09 2.57 15.37
N LYS A 86 1.79 2.27 15.48
CA LYS A 86 1.21 1.83 16.75
C LYS A 86 1.51 2.92 17.79
N THR A 87 2.21 2.57 18.87
CA THR A 87 2.47 3.53 19.94
C THR A 87 3.79 4.30 19.82
N LYS A 88 4.60 3.94 18.82
CA LYS A 88 5.98 4.42 18.77
C LYS A 88 6.30 5.30 17.57
N ILE A 89 7.21 6.24 17.77
CA ILE A 89 7.84 6.92 16.63
C ILE A 89 8.76 5.91 15.90
N ALA A 90 8.52 5.75 14.60
CA ALA A 90 9.22 4.77 13.78
C ALA A 90 10.32 5.38 12.91
N GLY A 91 10.22 6.68 12.67
CA GLY A 91 11.12 7.35 11.73
C GLY A 91 10.51 8.64 11.26
N VAL A 92 10.99 9.09 10.10
CA VAL A 92 10.62 10.39 9.54
C VAL A 92 10.28 10.19 8.07
N VAL A 93 9.25 10.88 7.59
CA VAL A 93 9.01 11.00 6.15
C VAL A 93 8.81 12.49 5.86
N SER A 94 9.31 12.95 4.72
CA SER A 94 9.32 14.38 4.48
C SER A 94 9.21 14.73 3.03
N PHE A 95 8.68 15.92 2.77
CA PHE A 95 9.08 16.67 1.60
C PHE A 95 10.25 17.53 2.08
N ASN A 96 11.48 17.12 1.76
CA ASN A 96 12.67 17.87 2.17
C ASN A 96 12.66 19.29 1.60
N ILE A 97 12.18 19.40 0.37
CA ILE A 97 12.09 20.66 -0.35
C ILE A 97 10.74 20.67 -1.05
N ILE A 98 10.01 21.77 -0.91
CA ILE A 98 8.83 22.03 -1.71
C ILE A 98 9.15 23.19 -2.65
N ASP A 99 9.17 22.91 -3.95
CA ASP A 99 9.35 23.91 -4.98
C ASP A 99 7.97 24.33 -5.45
N HIS A 100 7.48 25.42 -4.88
CA HIS A 100 6.13 25.89 -5.15
C HIS A 100 5.92 26.31 -6.61
N ALA A 101 6.89 27.05 -7.15
CA ALA A 101 6.81 27.55 -8.52
C ALA A 101 6.63 26.43 -9.53
N ASN A 102 7.29 25.30 -9.29
CA ASN A 102 7.24 24.17 -10.21
C ASN A 102 6.40 23.01 -9.69
N LYS A 103 5.65 23.28 -8.62
CA LYS A 103 4.78 22.28 -7.96
C LYS A 103 5.47 20.92 -7.82
N THR A 104 6.68 20.95 -7.26
CA THR A 104 7.51 19.75 -7.13
C THR A 104 7.90 19.54 -5.67
N ALA A 105 7.81 18.30 -5.21
CA ALA A 105 8.23 17.93 -3.86
C ALA A 105 9.31 16.86 -3.92
N TYR A 106 10.38 17.06 -3.16
CA TYR A 106 11.48 16.11 -3.04
C TYR A 106 11.30 15.36 -1.72
N ILE A 107 11.18 14.04 -1.82
CA ILE A 107 10.85 13.18 -0.68
C ILE A 107 12.08 12.62 0.00
N GLY A 108 12.05 12.60 1.33
CA GLY A 108 13.06 11.91 2.12
C GLY A 108 12.39 11.01 3.14
N TYR A 109 13.14 10.04 3.66
CA TYR A 109 12.60 9.13 4.66
C TYR A 109 13.68 8.34 5.37
N TRP A 110 13.35 7.88 6.58
CA TRP A 110 14.11 6.85 7.27
C TRP A 110 13.25 6.15 8.28
N LEU A 111 13.59 4.89 8.56
CA LEU A 111 12.95 4.09 9.59
C LEU A 111 13.99 3.44 10.48
N GLY A 112 13.72 3.37 11.78
CA GLY A 112 14.53 2.54 12.67
C GLY A 112 14.51 1.09 12.22
N ALA A 113 15.58 0.37 12.51
CA ALA A 113 15.71 -1.04 12.11
C ALA A 113 14.50 -1.88 12.52
N ASN A 114 13.98 -1.64 13.71
CA ASN A 114 12.86 -2.43 14.22
C ASN A 114 11.53 -2.14 13.51
N PHE A 115 11.54 -1.13 12.64
CA PHE A 115 10.34 -0.73 11.91
C PHE A 115 10.44 -1.02 10.42
N GLN A 116 11.59 -1.49 9.97
CA GLN A 116 11.79 -1.82 8.58
C GLN A 116 11.14 -3.16 8.24
N GLY A 117 10.76 -3.33 6.97
CA GLY A 117 10.15 -4.57 6.51
C GLY A 117 8.66 -4.68 6.82
N LYS A 118 8.01 -3.55 7.06
CA LYS A 118 6.59 -3.51 7.43
C LYS A 118 5.74 -2.68 6.47
N GLY A 119 6.33 -2.21 5.38
CA GLY A 119 5.62 -1.35 4.42
C GLY A 119 5.28 0.05 4.91
N ILE A 120 5.90 0.47 6.01
CA ILE A 120 5.51 1.73 6.64
C ILE A 120 5.79 2.94 5.73
N VAL A 121 6.96 3.00 5.12
CA VAL A 121 7.30 4.13 4.26
C VAL A 121 6.51 4.10 2.95
N THR A 122 6.37 2.92 2.36
CA THR A 122 5.52 2.80 1.16
C THR A 122 4.11 3.33 1.43
N ASN A 123 3.51 2.91 2.53
CA ASN A 123 2.17 3.35 2.89
CA ASN A 123 2.16 3.36 2.85
C ASN A 123 2.13 4.86 3.13
N ALA A 124 3.14 5.39 3.80
CA ALA A 124 3.23 6.82 4.06
C ALA A 124 3.33 7.63 2.77
N ILE A 125 4.20 7.20 1.86
CA ILE A 125 4.39 7.91 0.60
C ILE A 125 3.11 7.89 -0.23
N ASN A 126 2.48 6.72 -0.34
CA ASN A 126 1.24 6.63 -1.11
C ASN A 126 0.21 7.62 -0.57
N LYS A 127 0.09 7.71 0.75
CA LYS A 127 -0.84 8.64 1.37
C LYS A 127 -0.53 10.11 1.05
N LEU A 128 0.75 10.48 1.16
CA LEU A 128 1.17 11.84 0.85
C LEU A 128 0.91 12.21 -0.61
N ILE A 129 1.12 11.27 -1.51
CA ILE A 129 0.90 11.51 -2.93
C ILE A 129 -0.59 11.64 -3.22
N GLN A 130 -1.42 10.86 -2.54
CA GLN A 130 -2.87 11.02 -2.68
C GLN A 130 -3.25 12.42 -2.21
N GLU A 131 -2.80 12.79 -1.01
CA GLU A 131 -3.24 14.04 -0.40
C GLU A 131 -2.77 15.28 -1.14
N TYR A 132 -1.51 15.30 -1.55
CA TYR A 132 -0.92 16.47 -2.21
C TYR A 132 -1.00 16.41 -3.73
N GLY A 133 -1.02 15.20 -4.28
CA GLY A 133 -1.01 15.00 -5.73
C GLY A 133 -2.39 15.05 -6.35
N ASP A 134 -3.31 14.26 -5.79
CA ASP A 134 -4.67 14.20 -6.32
C ASP A 134 -5.46 15.49 -6.06
N SER A 135 -4.95 16.32 -5.16
CA SER A 135 -5.54 17.63 -4.88
C SER A 135 -4.95 18.73 -5.76
N GLY A 136 -3.92 18.41 -6.53
CA GLY A 136 -3.29 19.39 -7.43
C GLY A 136 -2.27 20.35 -6.82
N VAL A 137 -1.92 20.14 -5.54
CA VAL A 137 -0.90 20.98 -4.91
C VAL A 137 0.49 20.70 -5.49
N ILE A 138 0.78 19.41 -5.68
CA ILE A 138 2.06 18.96 -6.19
C ILE A 138 1.83 18.15 -7.47
N LYS A 139 2.56 18.52 -8.51
CA LYS A 139 2.51 17.89 -9.83
C LYS A 139 3.52 16.75 -9.95
N ARG A 140 4.67 16.96 -9.31
CA ARG A 140 5.84 16.11 -9.51
C ARG A 140 6.46 15.79 -8.16
N PHE A 141 6.62 14.48 -7.91
CA PHE A 141 7.26 13.97 -6.70
C PHE A 141 8.58 13.33 -7.09
N VAL A 142 9.61 13.57 -6.29
CA VAL A 142 10.97 13.11 -6.63
C VAL A 142 11.58 12.37 -5.45
N ILE A 143 12.20 11.23 -5.72
CA ILE A 143 13.06 10.54 -4.76
C ILE A 143 14.46 10.46 -5.37
N LYS A 144 15.43 10.98 -4.65
CA LYS A 144 16.83 10.90 -5.06
C LYS A 144 17.59 10.27 -3.94
N CYS A 145 18.32 9.21 -4.25
CA CYS A 145 19.11 8.54 -3.24
CA CYS A 145 19.07 8.44 -3.25
C CYS A 145 20.29 7.82 -3.91
N ILE A 146 21.33 7.57 -3.14
CA ILE A 146 22.55 6.97 -3.67
C ILE A 146 22.25 5.66 -4.38
N VAL A 147 22.91 5.44 -5.52
CA VAL A 147 22.60 4.33 -6.41
C VAL A 147 22.57 2.97 -5.70
N ASP A 148 23.51 2.74 -4.78
CA ASP A 148 23.60 1.43 -4.12
C ASP A 148 22.69 1.26 -2.90
N ASN A 149 21.79 2.21 -2.67
CA ASN A 149 20.82 2.09 -1.59
C ASN A 149 19.67 1.20 -2.06
N LYS A 150 19.87 -0.11 -1.89
CA LYS A 150 18.97 -1.12 -2.42
C LYS A 150 17.54 -0.98 -1.88
N LYS A 151 17.41 -0.78 -0.58
CA LYS A 151 16.09 -0.69 0.04
C LYS A 151 15.32 0.55 -0.39
N SER A 152 16.01 1.69 -0.53
CA SER A 152 15.34 2.88 -1.02
C SER A 152 14.89 2.74 -2.46
N ASN A 153 15.73 2.17 -3.32
CA ASN A 153 15.33 1.90 -4.70
C ASN A 153 14.08 1.07 -4.79
N ALA A 154 14.02 0.01 -3.97
CA ALA A 154 12.87 -0.86 -3.94
C ALA A 154 11.61 -0.10 -3.51
N THR A 155 11.75 0.77 -2.50
CA THR A 155 10.66 1.60 -2.02
C THR A 155 10.15 2.52 -3.14
N ALA A 156 11.05 3.21 -3.81
CA ALA A 156 10.66 4.10 -4.92
C ALA A 156 9.86 3.35 -5.98
N LEU A 157 10.39 2.20 -6.42
CA LEU A 157 9.68 1.40 -7.44
C LEU A 157 8.35 0.86 -6.95
N ARG A 158 8.31 0.44 -5.68
CA ARG A 158 7.10 -0.07 -5.01
C ARG A 158 6.00 0.98 -4.99
N CYS A 159 6.40 2.25 -4.89
CA CYS A 159 5.45 3.36 -4.87
C CYS A 159 5.11 3.89 -6.26
N GLY A 160 5.56 3.18 -7.29
CA GLY A 160 5.22 3.52 -8.67
C GLY A 160 6.01 4.66 -9.28
N PHE A 161 7.21 4.93 -8.75
CA PHE A 161 8.10 5.93 -9.32
C PHE A 161 8.84 5.34 -10.51
N THR A 162 9.29 6.21 -11.40
CA THR A 162 10.07 5.82 -12.59
C THR A 162 11.47 6.41 -12.51
N LEU A 163 12.48 5.59 -12.80
CA LEU A 163 13.86 6.09 -12.87
C LEU A 163 14.05 7.03 -14.05
N GLU A 164 14.50 8.25 -13.77
CA GLU A 164 14.77 9.24 -14.82
C GLU A 164 16.23 9.28 -15.26
N GLY A 165 17.14 8.88 -14.37
CA GLY A 165 18.55 8.88 -14.70
C GLY A 165 19.42 8.83 -13.47
N VAL A 166 20.72 8.97 -13.69
CA VAL A 166 21.72 8.94 -12.64
C VAL A 166 22.35 10.33 -12.54
N LEU A 167 22.31 10.90 -11.34
CA LEU A 167 22.96 12.17 -11.06
C LEU A 167 24.38 11.86 -10.60
N GLN A 168 25.34 12.19 -11.44
CA GLN A 168 26.74 11.84 -11.20
C GLN A 168 27.34 12.59 -10.02
N LYS A 169 27.90 11.84 -9.07
CA LYS A 169 28.66 12.42 -7.96
C LYS A 169 27.88 13.53 -7.26
N ALA A 170 26.62 13.25 -6.94
CA ALA A 170 25.68 14.26 -6.47
C ALA A 170 25.49 14.32 -4.96
N GLU A 171 25.88 13.26 -4.24
CA GLU A 171 25.69 13.24 -2.80
C GLU A 171 26.97 12.88 -2.07
N ILE A 172 27.36 13.73 -1.14
CA ILE A 172 28.59 13.53 -0.38
C ILE A 172 28.31 12.94 0.99
N LEU A 173 28.96 11.81 1.27
CA LEU A 173 29.01 11.24 2.62
C LEU A 173 30.48 11.16 3.03
N ASN A 174 30.82 11.81 4.14
CA ASN A 174 32.16 11.71 4.70
C ASN A 174 33.25 12.02 3.66
N GLY A 175 33.05 13.12 2.92
CA GLY A 175 34.05 13.61 1.98
C GLY A 175 34.10 12.91 0.65
N VAL A 176 33.23 11.92 0.43
CA VAL A 176 33.21 11.21 -0.84
C VAL A 176 31.89 11.47 -1.57
N SER A 177 31.98 11.84 -2.85
CA SER A 177 30.79 12.05 -3.69
C SER A 177 30.29 10.74 -4.32
N TYR A 178 28.99 10.48 -4.21
CA TYR A 178 28.36 9.29 -4.76
C TYR A 178 27.28 9.64 -5.78
N ASP A 179 27.12 8.79 -6.78
CA ASP A 179 26.04 8.93 -7.74
C ASP A 179 24.68 8.67 -7.08
N GLN A 180 23.65 9.37 -7.55
CA GLN A 180 22.28 9.13 -7.11
C GLN A 180 21.42 8.66 -8.27
N ASN A 181 20.47 7.78 -7.99
CA ASN A 181 19.35 7.58 -8.89
C ASN A 181 18.32 8.66 -8.62
N ILE A 182 17.74 9.23 -9.68
CA ILE A 182 16.59 10.12 -9.50
C ILE A 182 15.35 9.48 -10.08
N TYR A 183 14.36 9.33 -9.21
CA TYR A 183 13.06 8.74 -9.53
C TYR A 183 12.00 9.81 -9.45
N SER A 184 10.97 9.71 -10.29
CA SER A 184 9.85 10.62 -10.20
C SER A 184 8.50 9.92 -10.30
N LYS A 185 7.48 10.58 -9.76
CA LYS A 185 6.10 10.20 -10.00
C LYS A 185 5.36 11.49 -10.30
N VAL A 186 4.74 11.53 -11.47
CA VAL A 186 4.09 12.73 -11.96
C VAL A 186 2.58 12.48 -12.02
N ILE A 187 1.83 13.46 -11.54
CA ILE A 187 0.37 13.39 -11.53
C ILE A 187 -0.14 13.94 -12.84
N ASP B 8 4.51 -10.60 -22.73
CA ASP B 8 4.17 -10.67 -21.28
C ASP B 8 4.32 -12.10 -20.77
N VAL B 9 5.46 -12.38 -20.16
CA VAL B 9 5.78 -13.72 -19.63
C VAL B 9 4.88 -14.16 -18.48
N SER B 10 4.28 -13.18 -17.79
CA SER B 10 3.42 -13.45 -16.63
C SER B 10 2.06 -14.05 -17.00
N LEU B 11 1.67 -13.94 -18.26
CA LEU B 11 0.41 -14.50 -18.73
C LEU B 11 0.63 -15.87 -19.36
N THR B 12 0.08 -16.90 -18.72
CA THR B 12 0.18 -18.27 -19.23
C THR B 12 -1.21 -18.88 -19.38
N PRO B 13 -1.32 -20.06 -20.04
CA PRO B 13 -2.63 -20.73 -20.13
C PRO B 13 -3.28 -21.02 -18.77
N SER B 14 -2.47 -21.24 -17.74
CA SER B 14 -2.99 -21.57 -16.41
C SER B 14 -3.45 -20.36 -15.61
N GLY B 15 -2.85 -19.20 -15.86
CA GLY B 15 -3.19 -18.01 -15.10
C GLY B 15 -2.21 -16.86 -15.21
N ILE B 16 -2.26 -15.98 -14.23
CA ILE B 16 -1.45 -14.77 -14.22
C ILE B 16 -0.44 -14.89 -13.09
N LYS B 17 0.84 -14.89 -13.42
CA LYS B 17 1.89 -14.97 -12.41
C LYS B 17 2.11 -13.61 -11.73
N VAL B 18 2.04 -13.60 -10.41
CA VAL B 18 2.26 -12.39 -9.60
C VAL B 18 3.73 -12.30 -9.19
N ASN B 19 4.25 -13.39 -8.63
CA ASN B 19 5.66 -13.51 -8.27
C ASN B 19 5.96 -15.00 -8.15
N ASP B 20 7.14 -15.34 -7.64
CA ASP B 20 7.54 -16.75 -7.54
C ASP B 20 6.73 -17.57 -6.54
N GLU B 21 5.95 -16.88 -5.70
CA GLU B 21 5.12 -17.53 -4.69
C GLU B 21 3.64 -17.58 -5.06
N ILE B 22 3.20 -16.67 -5.92
CA ILE B 22 1.77 -16.46 -6.19
C ILE B 22 1.45 -16.49 -7.68
N THR B 23 0.51 -17.34 -8.05
CA THR B 23 -0.08 -17.32 -9.38
C THR B 23 -1.60 -17.27 -9.21
N LEU B 24 -2.25 -16.46 -10.03
CA LEU B 24 -3.70 -16.33 -10.04
C LEU B 24 -4.21 -17.23 -11.15
N LEU B 25 -4.84 -18.34 -10.75
CA LEU B 25 -5.28 -19.37 -11.68
C LEU B 25 -6.66 -19.09 -12.26
N TYR B 26 -6.79 -19.33 -13.56
CA TYR B 26 -8.11 -19.41 -14.15
C TYR B 26 -8.86 -20.59 -13.54
N PRO B 27 -10.14 -20.41 -13.18
CA PRO B 27 -10.89 -21.50 -12.57
C PRO B 27 -10.90 -22.76 -13.43
N ALA B 28 -10.82 -23.90 -12.75
CA ALA B 28 -10.88 -25.21 -13.39
C ALA B 28 -11.47 -26.18 -12.36
N LEU B 29 -12.17 -27.20 -12.85
CA LEU B 29 -12.89 -28.14 -12.00
C LEU B 29 -11.98 -28.93 -11.04
N LYS B 30 -10.72 -29.10 -11.44
CA LYS B 30 -9.78 -29.87 -10.62
C LYS B 30 -9.41 -29.19 -9.30
N TYR B 31 -9.86 -27.94 -9.12
CA TYR B 31 -9.64 -27.19 -7.88
C TYR B 31 -10.84 -27.24 -6.95
N ALA B 32 -11.91 -27.92 -7.36
CA ALA B 32 -13.17 -27.93 -6.61
C ALA B 32 -13.04 -28.39 -5.17
N GLU B 33 -12.39 -29.55 -4.97
CA GLU B 33 -12.22 -30.12 -3.64
C GLU B 33 -11.38 -29.22 -2.75
N GLU B 34 -10.23 -28.77 -3.26
CA GLU B 34 -9.36 -27.90 -2.47
C GLU B 34 -10.07 -26.60 -2.07
N LEU B 35 -10.81 -26.02 -3.01
CA LEU B 35 -11.58 -24.81 -2.72
C LEU B 35 -12.65 -25.07 -1.65
N TYR B 36 -13.44 -26.13 -1.81
CA TYR B 36 -14.47 -26.45 -0.82
C TYR B 36 -13.89 -26.64 0.58
N LEU B 37 -12.81 -27.41 0.68
CA LEU B 37 -12.23 -27.71 1.97
C LEU B 37 -11.74 -26.43 2.64
N LEU B 38 -11.16 -25.54 1.84
CA LEU B 38 -10.67 -24.26 2.33
C LEU B 38 -11.81 -23.39 2.87
N ILE B 39 -12.91 -23.32 2.10
CA ILE B 39 -14.09 -22.59 2.54
C ILE B 39 -14.63 -23.18 3.86
N ASN B 40 -14.75 -24.50 3.92
CA ASN B 40 -15.28 -25.15 5.11
C ASN B 40 -14.47 -24.86 6.38
N GLN B 41 -13.15 -24.90 6.28
CA GLN B 41 -12.26 -24.59 7.40
C GLN B 41 -12.47 -23.18 7.94
N ASN B 42 -12.85 -22.27 7.03
CA ASN B 42 -12.95 -20.86 7.34
C ASN B 42 -14.40 -20.38 7.51
N LYS B 43 -15.34 -21.31 7.44
CA LYS B 43 -16.76 -20.99 7.29
C LYS B 43 -17.30 -20.06 8.37
N ILE B 44 -17.09 -20.42 9.63
CA ILE B 44 -17.68 -19.66 10.72
C ILE B 44 -17.11 -18.23 10.80
N ASN B 45 -15.81 -18.07 10.58
CA ASN B 45 -15.23 -16.74 10.49
C ASN B 45 -15.68 -15.97 9.25
N PHE B 46 -15.78 -16.67 8.12
CA PHE B 46 -16.22 -16.06 6.86
C PHE B 46 -17.65 -15.55 6.89
N ILE B 47 -18.51 -16.22 7.64
CA ILE B 47 -19.91 -15.80 7.79
C ILE B 47 -20.02 -14.43 8.48
N LYS B 48 -18.98 -14.05 9.22
CA LYS B 48 -18.91 -12.73 9.84
C LYS B 48 -18.68 -11.60 8.83
N SER B 49 -18.21 -11.93 7.63
CA SER B 49 -17.81 -10.92 6.64
C SER B 49 -18.47 -11.03 5.27
N MET B 50 -18.98 -12.22 4.94
CA MET B 50 -19.53 -12.50 3.61
C MET B 50 -20.79 -13.35 3.75
N ALA B 51 -21.72 -13.20 2.81
CA ALA B 51 -23.02 -13.89 2.89
C ALA B 51 -22.98 -15.31 2.32
N TRP B 52 -22.23 -15.49 1.22
CA TRP B 52 -22.25 -16.76 0.48
C TRP B 52 -21.68 -18.00 1.20
N PRO B 53 -20.71 -17.85 2.13
CA PRO B 53 -20.12 -19.08 2.68
C PRO B 53 -21.11 -20.01 3.40
N ALA B 54 -22.15 -19.44 4.00
CA ALA B 54 -23.16 -20.22 4.73
C ALA B 54 -23.83 -21.28 3.87
N PHE B 55 -23.77 -21.11 2.56
CA PHE B 55 -24.47 -21.97 1.61
C PHE B 55 -23.56 -22.95 0.87
N VAL B 56 -22.27 -22.94 1.19
CA VAL B 56 -21.33 -23.88 0.58
C VAL B 56 -21.29 -25.15 1.44
N ASN B 57 -22.17 -26.08 1.11
CA ASN B 57 -22.40 -27.26 1.94
C ASN B 57 -21.76 -28.53 1.41
N ASN B 58 -21.73 -28.66 0.09
CA ASN B 58 -21.19 -29.85 -0.57
C ASN B 58 -20.12 -29.43 -1.58
N ILE B 59 -19.24 -30.37 -1.92
CA ILE B 59 -18.25 -30.16 -2.98
C ILE B 59 -18.91 -29.72 -4.28
N SER B 60 -20.11 -30.23 -4.53
CA SER B 60 -20.90 -29.88 -5.71
C SER B 60 -21.22 -28.38 -5.79
N ASP B 61 -21.32 -27.74 -4.63
CA ASP B 61 -21.52 -26.28 -4.58
C ASP B 61 -20.29 -25.53 -5.12
N SER B 62 -19.10 -26.02 -4.79
CA SER B 62 -17.87 -25.45 -5.34
C SER B 62 -17.74 -25.75 -6.83
N VAL B 63 -18.18 -26.94 -7.25
CA VAL B 63 -18.24 -27.28 -8.67
C VAL B 63 -19.14 -26.29 -9.42
N SER B 64 -20.33 -26.02 -8.85
CA SER B 64 -21.27 -25.07 -9.43
C SER B 64 -20.66 -23.68 -9.58
N PHE B 65 -19.97 -23.24 -8.53
CA PHE B 65 -19.32 -21.93 -8.55
C PHE B 65 -18.23 -21.85 -9.62
N ILE B 66 -17.43 -22.90 -9.74
CA ILE B 66 -16.37 -22.95 -10.75
C ILE B 66 -16.94 -22.89 -12.17
N GLU B 67 -18.01 -23.66 -12.40
CA GLU B 67 -18.68 -23.66 -13.70
C GLU B 67 -19.20 -22.28 -14.09
N GLN B 68 -19.88 -21.62 -13.15
CA GLN B 68 -20.41 -20.28 -13.40
C GLN B 68 -19.29 -19.27 -13.62
N SER B 69 -18.21 -19.40 -12.83
CA SER B 69 -17.06 -18.50 -12.95
C SER B 69 -16.36 -18.63 -14.28
N MET B 70 -16.27 -19.85 -14.81
CA MET B 70 -15.68 -20.07 -16.13
C MET B 70 -16.51 -19.40 -17.22
N ILE B 71 -17.84 -19.48 -17.10
CA ILE B 71 -18.74 -18.81 -18.05
C ILE B 71 -18.60 -17.28 -17.95
N ASP B 72 -18.60 -16.77 -16.71
CA ASP B 72 -18.49 -15.33 -16.48
C ASP B 72 -17.17 -14.76 -16.98
N ASN B 73 -16.08 -15.50 -16.78
CA ASN B 73 -14.77 -15.10 -17.30
C ASN B 73 -14.75 -15.00 -18.82
N GLN B 74 -15.36 -15.98 -19.48
CA GLN B 74 -15.46 -16.03 -20.94
C GLN B 74 -16.26 -14.85 -21.50
N ASN B 75 -17.38 -14.55 -20.84
CA ASN B 75 -18.26 -13.45 -21.27
C ASN B 75 -17.74 -12.08 -20.87
N GLU B 76 -16.66 -12.06 -20.09
CA GLU B 76 -16.00 -10.82 -19.61
C GLU B 76 -16.90 -9.93 -18.76
N LYS B 77 -17.93 -10.53 -18.15
CA LYS B 77 -18.79 -9.84 -17.20
C LYS B 77 -18.08 -9.68 -15.86
N ALA B 78 -17.16 -10.60 -15.60
CA ALA B 78 -16.43 -10.65 -14.34
C ALA B 78 -15.08 -11.28 -14.62
N LEU B 79 -14.19 -11.21 -13.63
CA LEU B 79 -12.93 -11.94 -13.68
C LEU B 79 -12.74 -12.61 -12.32
N ILE B 80 -12.82 -13.94 -12.31
CA ILE B 80 -12.68 -14.74 -11.10
CA ILE B 80 -12.68 -14.73 -11.09
C ILE B 80 -11.40 -15.54 -11.19
N LEU B 81 -10.52 -15.38 -10.21
CA LEU B 81 -9.24 -16.08 -10.19
C LEU B 81 -8.99 -16.77 -8.86
N PHE B 82 -8.39 -17.95 -8.91
CA PHE B 82 -8.07 -18.69 -7.70
C PHE B 82 -6.62 -18.46 -7.35
N ILE B 83 -6.38 -17.96 -6.14
CA ILE B 83 -5.04 -17.64 -5.71
C ILE B 83 -4.32 -18.93 -5.34
N LYS B 84 -3.19 -19.18 -5.99
CA LYS B 84 -2.33 -20.29 -5.61
C LYS B 84 -1.03 -19.75 -5.01
N TYR B 85 -0.79 -20.10 -3.75
CA TYR B 85 0.35 -19.61 -3.00
C TYR B 85 1.18 -20.81 -2.56
N LYS B 86 2.42 -20.85 -3.03
CA LYS B 86 3.36 -21.90 -2.63
C LYS B 86 2.73 -23.30 -2.72
N THR B 87 2.10 -23.55 -3.87
CA THR B 87 1.45 -24.82 -4.26
C THR B 87 0.03 -25.05 -3.77
N LYS B 88 -0.48 -24.19 -2.88
CA LYS B 88 -1.80 -24.37 -2.28
C LYS B 88 -2.81 -23.33 -2.75
N ILE B 89 -4.06 -23.75 -2.92
CA ILE B 89 -5.14 -22.79 -3.13
C ILE B 89 -5.34 -21.99 -1.83
N ALA B 90 -5.26 -20.67 -1.94
CA ALA B 90 -5.22 -19.78 -0.79
C ALA B 90 -6.49 -18.96 -0.65
N GLY B 91 -7.25 -18.81 -1.74
CA GLY B 91 -8.44 -17.96 -1.74
C GLY B 91 -8.78 -17.54 -3.16
N VAL B 92 -9.52 -16.44 -3.27
CA VAL B 92 -10.05 -15.95 -4.54
C VAL B 92 -9.82 -14.45 -4.61
N VAL B 93 -9.45 -13.97 -5.79
CA VAL B 93 -9.44 -12.53 -6.06
C VAL B 93 -10.23 -12.33 -7.34
N SER B 94 -11.03 -11.28 -7.39
CA SER B 94 -11.94 -11.11 -8.51
C SER B 94 -12.19 -9.66 -8.89
N PHE B 95 -12.53 -9.47 -10.15
CA PHE B 95 -13.38 -8.35 -10.52
C PHE B 95 -14.79 -8.93 -10.52
N ASN B 96 -15.55 -8.66 -9.45
CA ASN B 96 -16.93 -9.18 -9.34
C ASN B 96 -17.80 -8.68 -10.48
N ILE B 97 -17.60 -7.40 -10.82
CA ILE B 97 -18.28 -6.74 -11.94
C ILE B 97 -17.22 -6.03 -12.77
N ILE B 98 -17.27 -6.24 -14.09
CA ILE B 98 -16.52 -5.42 -15.03
C ILE B 98 -17.51 -4.59 -15.84
N ASP B 99 -17.44 -3.28 -15.66
CA ASP B 99 -18.27 -2.34 -16.37
C ASP B 99 -17.44 -1.76 -17.50
N HIS B 100 -17.50 -2.38 -18.67
CA HIS B 100 -16.66 -1.97 -19.79
C HIS B 100 -16.94 -0.54 -20.28
N ALA B 101 -18.21 -0.17 -20.34
CA ALA B 101 -18.61 1.14 -20.83
C ALA B 101 -17.96 2.26 -20.00
N ASN B 102 -17.87 2.04 -18.69
CA ASN B 102 -17.28 3.03 -17.79
C ASN B 102 -15.87 2.69 -17.36
N LYS B 103 -15.27 1.70 -18.02
CA LYS B 103 -13.91 1.24 -17.72
C LYS B 103 -13.67 1.10 -16.20
N THR B 104 -14.60 0.42 -15.53
CA THR B 104 -14.59 0.29 -14.08
C THR B 104 -14.66 -1.18 -13.69
N ALA B 105 -13.84 -1.58 -12.71
CA ALA B 105 -13.87 -2.93 -12.15
C ALA B 105 -14.10 -2.85 -10.66
N TYR B 106 -15.00 -3.68 -10.15
CA TYR B 106 -15.31 -3.80 -8.72
C TYR B 106 -14.63 -5.05 -8.20
N ILE B 107 -13.75 -4.87 -7.22
CA ILE B 107 -12.87 -5.93 -6.76
C ILE B 107 -13.43 -6.65 -5.53
N GLY B 108 -13.29 -7.96 -5.53
CA GLY B 108 -13.57 -8.79 -4.36
C GLY B 108 -12.39 -9.67 -4.02
N TYR B 109 -12.33 -10.15 -2.78
CA TYR B 109 -11.24 -11.01 -2.36
C TYR B 109 -11.56 -11.73 -1.06
N TRP B 110 -10.94 -12.90 -0.91
CA TRP B 110 -10.85 -13.57 0.37
C TRP B 110 -9.66 -14.50 0.40
N LEU B 111 -9.13 -14.70 1.61
CA LEU B 111 -8.06 -15.66 1.84
C LEU B 111 -8.43 -16.56 3.01
N GLY B 112 -8.10 -17.84 2.89
CA GLY B 112 -8.16 -18.70 4.07
C GLY B 112 -7.24 -18.16 5.15
N ALA B 113 -7.61 -18.34 6.41
CA ALA B 113 -6.83 -17.82 7.53
C ALA B 113 -5.37 -18.23 7.49
N ASN B 114 -5.08 -19.45 7.03
CA ASN B 114 -3.69 -19.93 6.96
C ASN B 114 -2.82 -19.15 5.99
N PHE B 115 -3.45 -18.34 5.14
CA PHE B 115 -2.76 -17.58 4.10
C PHE B 115 -2.78 -16.09 4.34
N GLN B 116 -3.38 -15.67 5.45
CA GLN B 116 -3.44 -14.26 5.79
C GLN B 116 -2.14 -13.80 6.44
N GLY B 117 -1.86 -12.51 6.35
CA GLY B 117 -0.69 -11.95 6.99
C GLY B 117 0.56 -11.98 6.14
N LYS B 118 0.40 -12.27 4.84
CA LYS B 118 1.54 -12.50 3.95
C LYS B 118 1.57 -11.57 2.72
N GLY B 119 0.65 -10.61 2.67
CA GLY B 119 0.58 -9.67 1.54
C GLY B 119 0.06 -10.26 0.25
N ILE B 120 -0.56 -11.44 0.32
CA ILE B 120 -0.96 -12.15 -0.90
C ILE B 120 -2.01 -11.41 -1.72
N VAL B 121 -3.05 -10.90 -1.07
CA VAL B 121 -4.09 -10.18 -1.80
C VAL B 121 -3.59 -8.82 -2.29
N THR B 122 -2.81 -8.12 -1.46
CA THR B 122 -2.22 -6.85 -1.88
C THR B 122 -1.36 -7.04 -3.13
N ASN B 123 -0.52 -8.08 -3.12
CA ASN B 123 0.32 -8.33 -4.29
C ASN B 123 -0.50 -8.75 -5.51
N ALA B 124 -1.55 -9.54 -5.28
CA ALA B 124 -2.43 -9.94 -6.37
C ALA B 124 -3.16 -8.75 -7.01
N ILE B 125 -3.72 -7.88 -6.17
CA ILE B 125 -4.43 -6.70 -6.65
C ILE B 125 -3.47 -5.77 -7.40
N ASN B 126 -2.29 -5.55 -6.85
CA ASN B 126 -1.30 -4.71 -7.53
C ASN B 126 -1.00 -5.24 -8.94
N LYS B 127 -0.88 -6.56 -9.08
CA LYS B 127 -0.65 -7.18 -10.39
C LYS B 127 -1.84 -6.99 -11.34
N LEU B 128 -3.06 -7.20 -10.84
CA LEU B 128 -4.24 -7.04 -11.68
C LEU B 128 -4.43 -5.61 -12.15
N ILE B 129 -4.13 -4.65 -11.27
CA ILE B 129 -4.22 -3.24 -11.62
C ILE B 129 -3.16 -2.88 -12.66
N GLN B 130 -1.95 -3.41 -12.53
CA GLN B 130 -0.94 -3.23 -13.56
C GLN B 130 -1.44 -3.80 -14.90
N GLU B 131 -1.93 -5.03 -14.88
CA GLU B 131 -2.35 -5.70 -16.11
C GLU B 131 -3.52 -4.99 -16.82
N TYR B 132 -4.57 -4.70 -16.06
CA TYR B 132 -5.79 -4.12 -16.65
C TYR B 132 -5.71 -2.61 -16.81
N GLY B 133 -4.87 -1.96 -16.00
CA GLY B 133 -4.58 -0.53 -16.16
C GLY B 133 -3.69 -0.25 -17.35
N ASP B 134 -2.63 -1.06 -17.52
CA ASP B 134 -1.70 -0.92 -18.66
C ASP B 134 -2.37 -1.13 -20.01
N SER B 135 -3.32 -2.06 -20.06
CA SER B 135 -4.00 -2.41 -21.29
C SER B 135 -5.05 -1.38 -21.71
N GLY B 136 -5.37 -0.44 -20.82
CA GLY B 136 -6.38 0.58 -21.08
C GLY B 136 -7.80 0.11 -20.89
N VAL B 137 -7.96 -1.13 -20.45
CA VAL B 137 -9.29 -1.73 -20.26
C VAL B 137 -10.03 -1.12 -19.07
N ILE B 138 -9.31 -0.90 -17.98
CA ILE B 138 -9.90 -0.36 -16.75
C ILE B 138 -9.17 0.91 -16.34
N LYS B 139 -9.95 1.95 -16.04
CA LYS B 139 -9.41 3.19 -15.50
C LYS B 139 -9.73 3.37 -14.02
N ARG B 140 -10.85 2.81 -13.57
CA ARG B 140 -11.31 2.98 -12.21
C ARG B 140 -11.50 1.61 -11.55
N PHE B 141 -10.74 1.38 -10.48
CA PHE B 141 -10.87 0.18 -9.67
C PHE B 141 -11.56 0.55 -8.37
N VAL B 142 -12.49 -0.29 -7.93
CA VAL B 142 -13.34 0.01 -6.78
C VAL B 142 -13.33 -1.14 -5.77
N ILE B 143 -13.17 -0.81 -4.50
CA ILE B 143 -13.37 -1.76 -3.41
C ILE B 143 -14.43 -1.17 -2.47
N LYS B 144 -15.47 -1.95 -2.18
CA LYS B 144 -16.48 -1.58 -1.22
C LYS B 144 -16.44 -2.59 -0.10
N CYS B 145 -16.27 -2.14 1.13
CA CYS B 145 -16.28 -3.06 2.25
C CYS B 145 -16.93 -2.44 3.48
N ILE B 146 -17.59 -3.28 4.27
CA ILE B 146 -18.24 -2.86 5.50
C ILE B 146 -17.26 -2.12 6.41
N VAL B 147 -17.72 -1.00 6.98
CA VAL B 147 -16.87 -0.14 7.80
C VAL B 147 -16.21 -0.92 8.95
N ASP B 148 -16.96 -1.82 9.59
CA ASP B 148 -16.43 -2.63 10.70
C ASP B 148 -15.46 -3.76 10.31
N ASN B 149 -15.30 -4.02 9.02
CA ASN B 149 -14.39 -5.07 8.56
C ASN B 149 -12.96 -4.54 8.50
N LYS B 150 -12.23 -4.70 9.60
CA LYS B 150 -10.93 -4.06 9.77
C LYS B 150 -9.90 -4.50 8.69
N LYS B 151 -9.82 -5.81 8.46
CA LYS B 151 -8.80 -6.34 7.55
C LYS B 151 -9.11 -5.98 6.10
N SER B 152 -10.38 -5.93 5.71
CA SER B 152 -10.68 -5.61 4.33
CA SER B 152 -10.71 -5.61 4.33
C SER B 152 -10.38 -4.16 4.02
N ASN B 153 -10.66 -3.27 4.98
CA ASN B 153 -10.31 -1.87 4.83
C ASN B 153 -8.80 -1.66 4.77
N ALA B 154 -8.07 -2.39 5.61
CA ALA B 154 -6.62 -2.31 5.63
C ALA B 154 -6.04 -2.70 4.28
N THR B 155 -6.60 -3.73 3.66
CA THR B 155 -6.15 -4.17 2.35
C THR B 155 -6.37 -3.08 1.29
N ALA B 156 -7.56 -2.49 1.25
CA ALA B 156 -7.85 -1.43 0.29
C ALA B 156 -6.81 -0.32 0.42
N LEU B 157 -6.52 0.08 1.66
CA LEU B 157 -5.57 1.15 1.90
C LEU B 157 -4.15 0.76 1.49
N ARG B 158 -3.76 -0.49 1.80
CA ARG B 158 -2.47 -1.07 1.45
C ARG B 158 -2.23 -1.06 -0.05
N CYS B 159 -3.30 -1.26 -0.81
CA CYS B 159 -3.26 -1.27 -2.28
C CYS B 159 -3.27 0.14 -2.88
N GLY B 160 -3.25 1.16 -2.03
CA GLY B 160 -3.16 2.55 -2.49
C GLY B 160 -4.47 3.12 -2.98
N PHE B 161 -5.58 2.58 -2.52
CA PHE B 161 -6.91 3.11 -2.83
C PHE B 161 -7.22 4.28 -1.89
N THR B 162 -8.03 5.22 -2.37
CA THR B 162 -8.46 6.36 -1.58
C THR B 162 -9.94 6.20 -1.20
N LEU B 163 -10.24 6.48 0.06
CA LEU B 163 -11.63 6.47 0.53
C LEU B 163 -12.43 7.59 -0.11
N GLU B 164 -13.50 7.24 -0.82
CA GLU B 164 -14.36 8.24 -1.45
C GLU B 164 -15.52 8.66 -0.56
N GLY B 165 -15.99 7.75 0.30
CA GLY B 165 -17.07 8.09 1.20
C GLY B 165 -17.65 6.87 1.83
N VAL B 166 -18.75 7.08 2.55
CA VAL B 166 -19.44 6.04 3.29
C VAL B 166 -20.81 5.85 2.64
N LEU B 167 -21.06 4.63 2.21
CA LEU B 167 -22.34 4.23 1.64
C LEU B 167 -23.18 3.71 2.78
N GLN B 168 -24.17 4.51 3.18
CA GLN B 168 -24.98 4.20 4.35
C GLN B 168 -25.89 3.00 4.14
N LYS B 169 -25.81 2.06 5.09
CA LYS B 169 -26.72 0.91 5.14
C LYS B 169 -26.80 0.20 3.79
N ALA B 170 -25.62 -0.14 3.27
CA ALA B 170 -25.48 -0.59 1.89
C ALA B 170 -25.19 -2.07 1.71
N GLU B 171 -24.82 -2.77 2.78
CA GLU B 171 -24.54 -4.20 2.66
C GLU B 171 -25.21 -4.98 3.78
N ILE B 172 -26.00 -5.98 3.40
CA ILE B 172 -26.72 -6.80 4.37
C ILE B 172 -25.95 -8.08 4.68
N LEU B 173 -25.67 -8.29 5.95
CA LEU B 173 -25.10 -9.53 6.44
C LEU B 173 -25.88 -9.96 7.65
N ASN B 174 -26.26 -11.23 7.67
CA ASN B 174 -26.97 -11.82 8.81
C ASN B 174 -28.17 -10.97 9.24
N GLY B 175 -28.92 -10.48 8.24
CA GLY B 175 -30.15 -9.77 8.47
C GLY B 175 -30.04 -8.29 8.85
N VAL B 176 -28.82 -7.75 8.82
CA VAL B 176 -28.59 -6.36 9.22
C VAL B 176 -27.91 -5.58 8.09
N SER B 177 -28.37 -4.35 7.85
CA SER B 177 -27.73 -3.47 6.87
C SER B 177 -26.60 -2.71 7.53
N TYR B 178 -25.42 -2.77 6.92
CA TYR B 178 -24.22 -2.11 7.42
C TYR B 178 -23.72 -1.06 6.44
N ASP B 179 -23.14 0.01 6.99
CA ASP B 179 -22.42 0.99 6.18
C ASP B 179 -21.22 0.36 5.50
N GLN B 180 -20.94 0.80 4.29
CA GLN B 180 -19.71 0.43 3.58
C GLN B 180 -18.84 1.64 3.37
N ASN B 181 -17.53 1.43 3.44
CA ASN B 181 -16.58 2.35 2.85
C ASN B 181 -16.42 2.03 1.36
N ILE B 182 -16.42 3.05 0.52
CA ILE B 182 -16.10 2.85 -0.90
C ILE B 182 -14.76 3.51 -1.20
N TYR B 183 -13.85 2.72 -1.76
CA TYR B 183 -12.52 3.14 -2.10
C TYR B 183 -12.32 3.05 -3.61
N SER B 184 -11.47 3.92 -4.16
CA SER B 184 -11.10 3.80 -5.56
C SER B 184 -9.62 3.97 -5.78
N LYS B 185 -9.16 3.40 -6.88
CA LYS B 185 -7.87 3.69 -7.44
C LYS B 185 -8.07 3.94 -8.92
N VAL B 186 -7.67 5.14 -9.34
CA VAL B 186 -7.91 5.60 -10.70
C VAL B 186 -6.58 5.73 -11.43
N ILE B 187 -6.52 5.17 -12.63
CA ILE B 187 -5.33 5.21 -13.47
C ILE B 187 -5.47 6.37 -14.45
N1A COA C . 3.14 -2.85 2.30
C2A COA C . 4.24 -3.00 1.53
N3A COA C . 5.24 -3.84 1.88
C4A COA C . 5.14 -4.52 3.05
C5A COA C . 4.01 -4.41 3.84
C6A COA C . 3.00 -3.54 3.46
N6A COA C . 1.90 -3.39 4.24
N7A COA C . 4.21 -5.24 4.91
C8A COA C . 5.42 -5.88 4.81
N9A COA C . 6.02 -5.47 3.55
C1B COA C . 7.50 -5.40 3.48
C2B COA C . 7.99 -5.61 2.05
O2B COA C . 7.98 -6.98 1.64
C3B COA C . 9.39 -5.04 2.10
O3B COA C . 10.25 -5.97 2.75
P3B COA C . 11.59 -6.59 2.11
O7A COA C . 11.97 -7.71 3.04
O8A COA C . 12.59 -5.45 2.08
O9A COA C . 11.17 -7.02 0.72
C4B COA C . 9.20 -3.85 3.01
O4B COA C . 8.08 -4.15 3.86
C5B COA C . 8.94 -2.57 2.23
O5B COA C . 8.67 -1.54 3.18
P1A COA C . 8.85 0.02 2.81
O1A COA C . 8.95 0.18 1.31
O2A COA C . 7.79 0.79 3.54
O3A COA C . 10.30 0.38 3.42
P2A COA C . 11.38 -0.46 4.26
O4A COA C . 10.80 -0.95 5.54
O5A COA C . 12.04 -1.45 3.33
O6A COA C . 12.43 0.69 4.58
CBP COA C . 13.98 2.48 4.05
CCP COA C . 13.15 1.31 3.53
CDP COA C . 14.74 3.09 2.88
CEP COA C . 13.03 3.50 4.65
CAP COA C . 14.94 1.95 5.12
OAP COA C . 15.79 0.95 4.54
C9P COA C . 15.77 3.01 5.79
O9P COA C . 15.30 3.73 6.66
N8P COA C . 17.03 3.13 5.39
C7P COA C . 18.04 4.06 5.92
C6P COA C . 17.63 5.49 5.60
C5P COA C . 17.75 5.74 4.11
O5P COA C . 18.58 5.14 3.43
N4P COA C . 16.92 6.62 3.59
C3P COA C . 16.81 7.05 2.21
C2P COA C . 17.97 8.01 2.03
S1P COA C . 18.55 7.83 0.35
C DSZ D . 17.70 12.34 1.65
N DSZ D . 16.84 11.07 -0.23
O DSZ D . 16.64 12.96 1.65
N1 DSZ D . 16.97 14.24 12.63
C2 DSZ D . 16.02 13.40 12.15
N3 DSZ D . 15.73 13.26 10.85
C4 DSZ D . 16.42 13.98 9.94
C5 DSZ D . 17.48 14.90 10.37
C6 DSZ D . 17.73 15.00 11.80
N6 DSZ D . 18.68 15.83 12.25
N7 DSZ D . 17.99 15.47 9.26
C8 DSZ D . 17.31 14.97 8.21
N9 DSZ D . 16.37 14.09 8.61
CA DSZ D . 18.05 11.48 0.46
CB DSZ D . 19.05 12.18 -0.45
CG DSZ D . 18.48 13.34 -1.25
C1' DSZ D . 15.45 13.31 7.77
C2' DSZ D . 14.83 14.11 6.64
O2' DSZ D . 13.73 14.91 7.08
C3' DSZ D . 14.44 13.02 5.66
O3' DSZ D . 13.17 12.45 5.97
C4' DSZ D . 15.46 11.91 5.92
O4' DSZ D . 16.18 12.27 7.10
C5' DSZ D . 16.41 11.72 4.77
O5' DSZ D . 16.92 13.01 4.44
NAT DSZ D . 18.60 12.35 2.63
OAX DSZ D . 19.38 12.52 4.92
OAY DSZ D . 18.76 14.57 3.76
SBE DSZ D . 18.46 13.14 3.94
OD1 DSZ D . 19.27 14.02 -1.95
OD2 DSZ D . 17.24 13.59 -1.22
N1A COA E . 2.87 -6.73 1.30
C2A COA E . 1.76 -6.37 1.99
N3A COA E . 1.51 -6.87 3.20
C4A COA E . 2.38 -7.78 3.72
C5A COA E . 3.54 -8.13 3.07
C6A COA E . 3.77 -7.60 1.82
N6A COA E . 4.88 -7.98 1.14
N7A COA E . 4.20 -9.00 3.87
C8A COA E . 3.54 -9.23 5.04
N9A COA E . 2.39 -8.35 5.00
C1B COA E . 1.25 -8.56 5.87
C2B COA E . 0.74 -7.23 6.38
O2B COA E . 1.56 -6.70 7.43
C3B COA E . -0.65 -7.61 6.82
O3B COA E . -0.55 -8.35 8.03
P3B COA E . -1.25 -7.89 9.41
O7A COA E . -0.77 -8.89 10.42
O8A COA E . -2.74 -7.92 9.15
O9A COA E . -0.74 -6.49 9.61
C4B COA E . -1.06 -8.57 5.73
O4B COA E . 0.14 -9.20 5.25
C5B COA E . -1.73 -7.86 4.56
O5B COA E . -1.94 -8.81 3.53
P1A COA E . -3.09 -8.56 2.44
O1A COA E . -3.54 -7.11 2.42
O2A COA E . -2.64 -9.15 1.14
O3A COA E . -4.32 -9.45 2.98
P2A COA E . -4.55 -10.19 4.41
O4A COA E . -3.67 -11.39 4.49
O5A COA E . -4.51 -9.15 5.50
O6A COA E . -6.06 -10.68 4.20
CBP COA E . -8.43 -10.32 3.74
CCP COA E . -7.10 -9.71 4.19
CDP COA E . -9.46 -9.21 3.75
CEP COA E . -8.25 -10.87 2.33
CAP COA E . -8.81 -11.43 4.74
OAP COA E . -8.84 -10.86 6.07
C9P COA E . -10.11 -12.12 4.42
O9P COA E . -10.17 -12.98 3.56
N8P COA E . -11.17 -11.74 5.13
C7P COA E . -12.53 -12.28 5.00
C6P COA E . -13.11 -11.91 3.62
C5P COA E . -13.32 -10.42 3.48
O5P COA E . -13.49 -9.72 4.47
N4P COA E . -13.34 -9.93 2.24
C3P COA E . -13.51 -8.55 1.76
C2P COA E . -14.96 -8.09 1.96
S1P COA E . -15.27 -6.52 1.09
C DSZ F . -17.71 -8.43 -1.98
N DSZ F . -16.43 -6.36 -1.84
O DSZ F . -17.57 -8.42 -3.19
N1 DSZ F . -17.00 -19.72 -3.65
C2 DSZ F . -15.80 -19.12 -3.58
N3 DSZ F . -15.62 -17.78 -3.66
C4 DSZ F . -16.71 -16.97 -3.81
C5 DSZ F . -18.05 -17.55 -3.88
C6 DSZ F . -18.16 -19.02 -3.80
N6 DSZ F . -19.35 -19.64 -3.85
N7 DSZ F . -18.91 -16.54 -4.04
C8 DSZ F . -18.19 -15.39 -4.05
N9 DSZ F . -16.86 -15.66 -3.93
CA DSZ F . -17.41 -7.20 -1.17
CB DSZ F . -18.69 -6.41 -0.84
CG DSZ F . -19.22 -5.60 -2.00
C1' DSZ F . -15.77 -14.68 -3.89
C2' DSZ F . -15.88 -13.58 -4.95
O2' DSZ F . -15.46 -14.07 -6.22
C3' DSZ F . -15.01 -12.50 -4.34
O3' DSZ F . -13.63 -12.69 -4.65
C4' DSZ F . -15.16 -12.71 -2.83
O4' DSZ F . -15.78 -13.99 -2.65
C5' DSZ F . -15.95 -11.62 -2.13
O5' DSZ F . -17.22 -11.46 -2.75
NAT DSZ F . -18.12 -9.49 -1.28
OAX DSZ F . -18.84 -11.76 -0.82
OAY DSZ F . -19.61 -10.67 -2.83
SBE DSZ F . -18.47 -10.83 -1.91
OD1 DSZ F . -20.37 -5.11 -1.90
OD2 DSZ F . -18.51 -5.43 -3.01
#